data_1EAP
#
_entry.id   1EAP
#
_cell.length_a   41.410
_cell.length_b   78.060
_cell.length_c   81.940
_cell.angle_alpha   90.00
_cell.angle_beta   94.94
_cell.angle_gamma   90.00
#
_symmetry.space_group_name_H-M   'P 1 21 1'
#
loop_
_entity.id
_entity.type
_entity.pdbx_description
1 polymer 'IGG2B-KAPPA 17E8 FAB (LIGHT CHAIN)'
2 polymer 'IGG2B-KAPPA 17E8 FAB (HEAVY CHAIN)'
3 non-polymer PHENYL[1-(N-SUCCINYLAMINO)PENTYL]PHOSPHONATE
#
loop_
_entity_poly.entity_id
_entity_poly.type
_entity_poly.pdbx_seq_one_letter_code
_entity_poly.pdbx_strand_id
1 'polypeptide(L)'
;DIELTQSPSSLSASLGGKVTITCKASQDIKKYIGWYQHKPGKGPRLLIHYTSTLLPGIPSRFRGSGSGRDYSFSISNLEG
GDIATYYCLQYYNLRTFGGGTKLEIKRADAAPTVSIFPPSSEQLTSGGASVVCFLNNFYPKDINVKWKIDGSERAQGVLN
SWTDQDSKDSTYSMSSTLTLTKDEYERHNSYTCEATHKTSTSPIVKSFNRNEC
;
A
2 'polypeptide(L)'
;EVQLQESGTELVKPGASVKISCKASGYISTDHAIHWVKQRPEQGLEWIGYISPGNGDIKYNEKFKVKATLTADQSSSTAY
MQLNSLTSEDSAVYFCKRSYYGSSYVDYWGQGTTLTVSSAKTTPPSVYPLAPGCGDTTGSSVTLGCLVKGYFPESVTVTW
NSGGLSSSVHTFPALLQSGLYTMSSSVTVPGGGWPSATVTCSVAHPASSTTVDKKL
;
B
#
loop_
_chem_comp.id
_chem_comp.type
_chem_comp.name
_chem_comp.formula
HEP non-polymer PHENYL[1-(N-SUCCINYLAMINO)PENTYL]PHOSPHONATE 'C15 H22 N O6 P'
#
# COMPACT_ATOMS: atom_id res chain seq x y z
N ASP A 1 18.24 1.99 -22.90
CA ASP A 1 17.10 2.18 -22.02
C ASP A 1 16.18 3.06 -22.84
N ILE A 2 14.88 3.06 -22.58
CA ILE A 2 13.95 3.88 -23.34
C ILE A 2 12.92 4.21 -22.26
N GLU A 3 12.40 5.44 -22.24
CA GLU A 3 11.42 5.83 -21.25
C GLU A 3 10.09 5.35 -21.78
N LEU A 4 9.13 5.18 -20.91
CA LEU A 4 7.84 4.69 -21.31
C LEU A 4 6.81 5.42 -20.45
N THR A 5 6.11 6.36 -21.08
CA THR A 5 5.13 7.13 -20.34
C THR A 5 3.84 6.36 -20.42
N GLN A 6 3.14 6.19 -19.32
CA GLN A 6 1.90 5.46 -19.37
C GLN A 6 0.90 6.24 -18.57
N SER A 7 -0.31 6.26 -19.11
CA SER A 7 -1.34 7.06 -18.53
C SER A 7 -2.67 6.42 -18.80
N PRO A 8 -3.74 6.77 -18.07
CA PRO A 8 -3.70 7.42 -16.77
C PRO A 8 -3.14 6.54 -15.67
N SER A 9 -3.01 7.04 -14.46
CA SER A 9 -2.75 6.29 -13.23
C SER A 9 -4.08 6.63 -12.56
N SER A 10 -4.75 5.76 -11.83
CA SER A 10 -6.16 5.93 -11.44
C SER A 10 -7.04 5.95 -12.69
N LEU A 11 -8.01 5.03 -12.73
CA LEU A 11 -9.02 5.08 -13.72
C LEU A 11 -10.22 4.72 -12.90
N SER A 12 -11.32 5.44 -12.95
CA SER A 12 -12.49 4.95 -12.23
C SER A 12 -13.32 4.28 -13.30
N ALA A 13 -13.49 2.97 -13.18
CA ALA A 13 -14.23 2.26 -14.19
C ALA A 13 -15.56 1.88 -13.62
N SER A 14 -16.58 1.74 -14.45
CA SER A 14 -17.83 1.17 -13.98
C SER A 14 -17.75 -0.28 -14.44
N LEU A 15 -18.20 -1.18 -13.58
CA LEU A 15 -18.15 -2.58 -13.90
C LEU A 15 -19.23 -2.71 -14.97
N GLY A 16 -18.77 -3.20 -16.13
CA GLY A 16 -19.61 -3.38 -17.31
C GLY A 16 -19.04 -2.60 -18.48
N GLY A 17 -18.16 -1.61 -18.30
CA GLY A 17 -17.66 -0.82 -19.43
C GLY A 17 -16.20 -1.08 -19.81
N LYS A 18 -15.59 -0.23 -20.64
CA LYS A 18 -14.25 -0.50 -21.12
C LYS A 18 -13.19 0.44 -20.61
N VAL A 19 -11.91 0.05 -20.57
CA VAL A 19 -10.84 0.91 -20.11
C VAL A 19 -9.76 0.86 -21.22
N THR A 20 -9.05 1.95 -21.43
CA THR A 20 -8.06 2.07 -22.46
C THR A 20 -6.87 2.73 -21.81
N ILE A 21 -5.86 1.92 -21.60
CA ILE A 21 -4.61 2.34 -20.99
C ILE A 21 -3.66 2.67 -22.16
N THR A 22 -2.62 3.49 -22.05
CA THR A 22 -1.71 3.81 -23.16
C THR A 22 -0.23 3.91 -22.74
N CYS A 23 0.72 3.36 -23.52
CA CYS A 23 2.13 3.53 -23.25
C CYS A 23 2.78 4.07 -24.49
N LYS A 24 3.53 5.17 -24.37
CA LYS A 24 4.18 5.85 -25.47
C LYS A 24 5.64 5.82 -25.12
N ALA A 25 6.43 5.36 -26.08
CA ALA A 25 7.85 5.19 -25.87
C ALA A 25 8.69 6.36 -26.36
N SER A 26 10.00 6.33 -26.11
CA SER A 26 10.90 7.41 -26.56
C SER A 26 11.56 7.10 -27.88
N GLN A 27 11.71 5.81 -28.20
CA GLN A 27 12.29 5.38 -29.45
C GLN A 27 11.19 4.51 -30.01
N ASP A 28 11.34 4.08 -31.24
CA ASP A 28 10.39 3.13 -31.81
C ASP A 28 10.87 1.84 -31.18
N ILE A 29 9.97 1.08 -30.54
CA ILE A 29 10.34 -0.16 -29.89
C ILE A 29 9.89 -1.42 -30.63
N LYS A 30 9.39 -1.28 -31.88
CA LYS A 30 9.10 -2.42 -32.76
C LYS A 30 8.12 -3.47 -32.25
N LYS A 31 7.03 -3.09 -31.62
CA LYS A 31 6.04 -3.98 -31.07
C LYS A 31 6.55 -4.89 -29.97
N TYR A 32 7.78 -4.71 -29.48
CA TYR A 32 8.23 -5.47 -28.33
C TYR A 32 7.78 -4.71 -27.11
N ILE A 33 6.56 -4.95 -26.65
CA ILE A 33 6.08 -4.37 -25.41
C ILE A 33 5.15 -5.42 -24.82
N GLY A 34 4.96 -5.49 -23.50
CA GLY A 34 4.10 -6.51 -22.90
C GLY A 34 3.11 -5.86 -21.99
N TRP A 35 2.11 -6.46 -21.38
CA TRP A 35 1.24 -5.79 -20.45
C TRP A 35 1.07 -6.71 -19.24
N TYR A 36 1.21 -6.25 -17.98
CA TYR A 36 1.12 -7.07 -16.79
C TYR A 36 -0.06 -6.68 -15.96
N GLN A 37 -0.50 -7.52 -15.07
CA GLN A 37 -1.58 -7.17 -14.21
C GLN A 37 -0.96 -7.38 -12.84
N HIS A 38 -1.21 -6.50 -11.88
CA HIS A 38 -0.63 -6.68 -10.57
C HIS A 38 -1.70 -6.35 -9.60
N LYS A 39 -2.24 -7.35 -8.93
CA LYS A 39 -3.22 -7.11 -7.88
C LYS A 39 -2.41 -7.00 -6.58
N PRO A 40 -2.91 -6.61 -5.40
CA PRO A 40 -2.25 -6.85 -4.11
C PRO A 40 -2.04 -8.33 -3.83
N GLY A 41 -1.16 -8.72 -2.92
CA GLY A 41 -1.08 -10.13 -2.54
C GLY A 41 -0.26 -11.00 -3.48
N LYS A 42 -0.38 -10.93 -4.81
CA LYS A 42 0.44 -11.78 -5.67
C LYS A 42 1.47 -11.06 -6.54
N GLY A 43 2.35 -11.82 -7.19
CA GLY A 43 3.35 -11.24 -8.09
C GLY A 43 2.69 -10.92 -9.41
N PRO A 44 3.23 -10.09 -10.30
CA PRO A 44 2.53 -9.70 -11.51
C PRO A 44 2.33 -10.82 -12.50
N ARG A 45 1.09 -10.93 -13.02
CA ARG A 45 0.66 -11.97 -13.96
C ARG A 45 0.78 -11.42 -15.36
N LEU A 46 1.50 -12.01 -16.33
CA LEU A 46 1.68 -11.42 -17.67
C LEU A 46 0.40 -11.61 -18.44
N LEU A 47 -0.01 -10.64 -19.23
CA LEU A 47 -1.27 -10.78 -19.92
C LEU A 47 -1.17 -10.94 -21.43
N ILE A 48 -0.32 -10.13 -22.07
CA ILE A 48 -0.22 -9.98 -23.51
C ILE A 48 1.25 -9.90 -23.83
N HIS A 49 1.84 -10.51 -24.85
CA HIS A 49 3.23 -10.16 -25.16
C HIS A 49 3.36 -9.77 -26.63
N TYR A 50 4.46 -9.10 -27.00
CA TYR A 50 4.68 -8.63 -28.35
C TYR A 50 3.41 -7.96 -28.87
N THR A 51 2.99 -6.92 -28.16
CA THR A 51 1.86 -6.06 -28.47
C THR A 51 0.46 -6.63 -28.47
N SER A 52 0.22 -7.66 -29.29
CA SER A 52 -1.09 -8.22 -29.54
C SER A 52 -1.30 -9.66 -29.16
N THR A 53 -0.23 -10.44 -29.01
CA THR A 53 -0.36 -11.86 -28.70
C THR A 53 -0.84 -12.19 -27.27
N LEU A 54 -2.15 -12.37 -27.08
CA LEU A 54 -2.74 -12.79 -25.81
C LEU A 54 -2.05 -13.97 -25.13
N LEU A 55 -2.21 -14.21 -23.84
CA LEU A 55 -1.55 -15.39 -23.27
C LEU A 55 -2.53 -16.55 -23.14
N PRO A 56 -2.10 -17.82 -23.13
CA PRO A 56 -2.91 -18.98 -22.79
C PRO A 56 -3.72 -18.77 -21.52
N GLY A 57 -5.04 -18.73 -21.61
CA GLY A 57 -5.84 -18.60 -20.43
C GLY A 57 -6.26 -17.14 -20.25
N ILE A 58 -5.54 -16.17 -20.83
CA ILE A 58 -5.97 -14.79 -20.66
C ILE A 58 -7.15 -14.58 -21.59
N PRO A 59 -8.25 -14.01 -21.07
CA PRO A 59 -9.45 -13.74 -21.83
C PRO A 59 -9.31 -12.75 -22.97
N SER A 60 -10.11 -12.96 -24.00
CA SER A 60 -10.14 -12.04 -25.12
C SER A 60 -10.81 -10.72 -24.83
N ARG A 61 -11.28 -10.40 -23.61
CA ARG A 61 -11.79 -9.04 -23.40
C ARG A 61 -10.60 -8.11 -23.22
N PHE A 62 -9.45 -8.72 -22.91
CA PHE A 62 -8.21 -7.99 -22.83
C PHE A 62 -7.79 -7.98 -24.27
N ARG A 63 -7.30 -6.84 -24.77
CA ARG A 63 -6.84 -6.72 -26.14
C ARG A 63 -5.72 -5.70 -26.13
N GLY A 64 -4.73 -5.85 -27.00
CA GLY A 64 -3.61 -4.93 -27.04
C GLY A 64 -3.32 -4.51 -28.47
N SER A 65 -2.85 -3.28 -28.72
CA SER A 65 -2.62 -2.77 -30.07
C SER A 65 -1.53 -1.71 -30.14
N GLY A 66 -0.91 -1.42 -31.28
CA GLY A 66 0.02 -0.31 -31.35
C GLY A 66 1.17 -0.57 -32.30
N SER A 67 2.01 0.42 -32.58
CA SER A 67 3.10 0.18 -33.48
C SER A 67 4.41 0.91 -33.26
N GLY A 68 4.56 2.22 -33.44
CA GLY A 68 5.90 2.83 -33.30
C GLY A 68 6.30 2.93 -31.84
N ARG A 69 5.83 4.05 -31.31
CA ARG A 69 5.97 4.37 -29.92
C ARG A 69 4.65 4.27 -29.21
N ASP A 70 3.55 4.47 -29.93
CA ASP A 70 2.22 4.48 -29.34
C ASP A 70 1.68 3.08 -29.25
N TYR A 71 1.07 2.71 -28.10
CA TYR A 71 0.49 1.40 -27.87
C TYR A 71 -0.70 1.53 -26.92
N SER A 72 -1.78 0.76 -27.09
CA SER A 72 -2.92 0.83 -26.22
C SER A 72 -3.33 -0.52 -25.67
N PHE A 73 -3.87 -0.58 -24.46
CA PHE A 73 -4.29 -1.79 -23.79
C PHE A 73 -5.74 -1.56 -23.55
N SER A 74 -6.62 -2.53 -23.70
CA SER A 74 -8.05 -2.31 -23.66
C SER A 74 -8.70 -3.49 -22.96
N ILE A 75 -9.68 -3.18 -22.11
CA ILE A 75 -10.43 -4.22 -21.39
C ILE A 75 -11.84 -3.85 -21.76
N SER A 76 -12.47 -4.64 -22.61
CA SER A 76 -13.81 -4.34 -23.04
C SER A 76 -14.82 -4.50 -21.93
N ASN A 77 -14.77 -5.56 -21.15
CA ASN A 77 -15.74 -5.69 -20.10
C ASN A 77 -14.93 -5.64 -18.84
N LEU A 78 -15.03 -4.55 -18.10
CA LEU A 78 -14.34 -4.48 -16.83
C LEU A 78 -15.20 -5.39 -15.97
N GLU A 79 -14.50 -6.35 -15.43
CA GLU A 79 -15.16 -7.30 -14.59
C GLU A 79 -14.82 -7.07 -13.14
N GLY A 80 -15.77 -7.38 -12.24
CA GLY A 80 -15.52 -7.32 -10.82
C GLY A 80 -14.51 -8.42 -10.70
N GLY A 81 -13.23 -8.03 -10.60
CA GLY A 81 -12.10 -8.95 -10.58
C GLY A 81 -11.00 -8.55 -11.57
N ASP A 82 -11.11 -7.40 -12.26
CA ASP A 82 -10.05 -6.89 -13.11
C ASP A 82 -9.41 -5.64 -12.50
N ILE A 83 -9.79 -5.35 -11.25
CA ILE A 83 -9.35 -4.20 -10.46
C ILE A 83 -7.95 -4.57 -9.96
N ALA A 84 -6.96 -3.97 -10.59
CA ALA A 84 -5.55 -4.28 -10.38
C ALA A 84 -4.76 -3.10 -10.95
N THR A 85 -3.40 -3.09 -10.90
CA THR A 85 -2.62 -2.09 -11.62
C THR A 85 -2.04 -2.76 -12.85
N TYR A 86 -2.07 -2.06 -13.96
CA TYR A 86 -1.53 -2.56 -15.22
C TYR A 86 -0.28 -1.76 -15.64
N TYR A 87 0.79 -2.50 -15.84
CA TYR A 87 2.03 -1.86 -16.21
C TYR A 87 2.29 -2.37 -17.56
N CYS A 88 2.93 -1.61 -18.41
CA CYS A 88 3.34 -2.06 -19.70
C CYS A 88 4.84 -2.25 -19.54
N LEU A 89 5.52 -2.94 -20.46
CA LEU A 89 6.91 -3.24 -20.25
C LEU A 89 7.64 -3.39 -21.56
N GLN A 90 8.37 -2.41 -22.05
CA GLN A 90 9.09 -2.64 -23.30
C GLN A 90 10.26 -3.55 -22.97
N TYR A 91 10.70 -4.21 -24.04
CA TYR A 91 11.87 -5.05 -24.00
C TYR A 91 12.55 -5.06 -25.37
N TYR A 92 12.51 -3.94 -26.08
CA TYR A 92 13.22 -3.80 -27.34
C TYR A 92 14.65 -3.49 -27.04
N ASN A 93 14.97 -2.95 -25.86
CA ASN A 93 16.35 -2.61 -25.49
C ASN A 93 16.29 -2.46 -24.01
N LEU A 94 16.74 -3.53 -23.36
CA LEU A 94 16.71 -3.72 -21.90
C LEU A 94 15.26 -3.75 -21.43
N ARG A 95 14.78 -3.34 -20.26
CA ARG A 95 13.37 -3.45 -19.93
C ARG A 95 13.00 -2.16 -19.19
N THR A 96 11.80 -1.63 -19.42
CA THR A 96 11.37 -0.42 -18.77
C THR A 96 9.87 -0.57 -18.61
N PHE A 97 9.30 -0.31 -17.42
CA PHE A 97 7.87 -0.45 -17.22
C PHE A 97 7.25 0.93 -17.18
N GLY A 98 5.98 1.02 -17.49
CA GLY A 98 5.23 2.24 -17.32
C GLY A 98 4.85 2.36 -15.84
N GLY A 99 4.48 3.54 -15.40
CA GLY A 99 4.13 3.78 -14.00
C GLY A 99 2.93 2.99 -13.51
N GLY A 100 2.02 2.70 -14.43
CA GLY A 100 0.91 1.86 -14.06
C GLY A 100 -0.43 2.57 -13.95
N THR A 101 -1.48 1.84 -14.35
CA THR A 101 -2.82 2.31 -14.16
C THR A 101 -3.42 1.56 -12.99
N LYS A 102 -3.78 2.25 -11.91
CA LYS A 102 -4.48 1.66 -10.77
C LYS A 102 -5.95 1.78 -11.13
N LEU A 103 -6.74 0.72 -11.16
CA LEU A 103 -8.14 0.85 -11.51
C LEU A 103 -8.91 0.75 -10.22
N GLU A 104 -10.02 1.44 -10.16
CA GLU A 104 -10.85 1.40 -8.97
C GLU A 104 -12.26 1.57 -9.49
N ILE A 105 -13.26 1.09 -8.75
CA ILE A 105 -14.60 1.14 -9.32
C ILE A 105 -15.26 2.42 -8.89
N LYS A 106 -15.79 3.04 -9.94
CA LYS A 106 -16.48 4.31 -9.93
C LYS A 106 -17.87 4.09 -9.38
N ARG A 107 -18.42 4.93 -8.52
CA ARG A 107 -19.74 4.72 -7.94
C ARG A 107 -20.36 6.06 -7.55
N ALA A 108 -21.55 6.09 -6.96
CA ALA A 108 -22.18 7.35 -6.58
C ALA A 108 -21.31 8.06 -5.57
N ASP A 109 -21.33 9.40 -5.60
CA ASP A 109 -20.60 10.16 -4.61
C ASP A 109 -21.32 9.90 -3.31
N ALA A 110 -20.58 9.92 -2.22
CA ALA A 110 -21.09 9.65 -0.90
C ALA A 110 -20.27 10.50 0.06
N ALA A 111 -20.96 11.05 1.06
CA ALA A 111 -20.35 11.95 2.03
C ALA A 111 -19.84 11.30 3.32
N PRO A 112 -18.69 11.71 3.88
CA PRO A 112 -18.04 11.11 5.02
C PRO A 112 -18.69 11.25 6.39
N THR A 113 -18.79 10.20 7.18
CA THR A 113 -19.26 10.38 8.54
C THR A 113 -17.99 10.63 9.37
N VAL A 114 -17.83 11.89 9.75
CA VAL A 114 -16.72 12.38 10.57
C VAL A 114 -16.96 12.15 12.06
N SER A 115 -15.87 11.85 12.77
CA SER A 115 -15.92 11.75 14.22
C SER A 115 -14.64 12.36 14.74
N ILE A 116 -14.64 13.06 15.87
CA ILE A 116 -13.36 13.47 16.41
C ILE A 116 -13.26 12.81 17.77
N PHE A 117 -12.03 12.42 18.09
CA PHE A 117 -11.71 11.77 19.34
C PHE A 117 -10.65 12.59 20.06
N PRO A 118 -10.97 13.10 21.26
CA PRO A 118 -10.03 13.56 22.29
C PRO A 118 -8.88 12.60 22.67
N PRO A 119 -7.76 12.99 23.29
CA PRO A 119 -6.79 12.10 23.89
C PRO A 119 -7.35 11.33 25.06
N SER A 120 -7.05 10.05 24.94
CA SER A 120 -7.46 8.97 25.81
C SER A 120 -7.15 8.96 27.30
N SER A 121 -6.79 10.04 28.00
CA SER A 121 -6.27 10.01 29.38
C SER A 121 -4.98 9.20 29.49
N GLU A 122 -4.92 7.87 29.27
CA GLU A 122 -3.68 7.06 29.24
C GLU A 122 -2.60 7.69 28.36
N GLN A 123 -2.95 8.34 27.23
CA GLN A 123 -1.91 8.98 26.44
C GLN A 123 -1.37 10.22 27.14
N LEU A 124 -2.28 10.94 27.83
CA LEU A 124 -1.90 12.14 28.57
C LEU A 124 -0.91 11.78 29.67
N THR A 125 -1.22 10.78 30.52
CA THR A 125 -0.34 10.32 31.58
C THR A 125 1.01 9.91 31.01
N SER A 126 1.09 9.49 29.74
CA SER A 126 2.37 9.17 29.14
C SER A 126 3.15 10.44 28.78
N GLY A 127 2.43 11.56 28.70
CA GLY A 127 2.99 12.85 28.41
C GLY A 127 2.62 13.34 27.00
N GLY A 128 1.70 12.66 26.29
CA GLY A 128 1.42 13.06 24.92
C GLY A 128 -0.07 13.20 24.71
N ALA A 129 -0.44 13.72 23.55
CA ALA A 129 -1.83 13.89 23.22
C ALA A 129 -1.97 13.68 21.73
N SER A 130 -2.69 12.67 21.21
CA SER A 130 -2.94 12.60 19.79
C SER A 130 -4.43 12.81 19.71
N VAL A 131 -4.92 13.77 18.93
CA VAL A 131 -6.37 13.92 18.77
C VAL A 131 -6.61 13.15 17.47
N VAL A 132 -7.65 12.32 17.31
CA VAL A 132 -7.83 11.48 16.12
C VAL A 132 -9.22 11.70 15.53
N CYS A 133 -9.34 12.00 14.23
CA CYS A 133 -10.59 12.32 13.59
C CYS A 133 -10.74 11.27 12.48
N PHE A 134 -11.84 10.51 12.50
CA PHE A 134 -12.10 9.46 11.53
C PHE A 134 -13.00 10.01 10.46
N LEU A 135 -12.74 9.73 9.20
CA LEU A 135 -13.58 10.19 8.12
C LEU A 135 -14.02 8.93 7.36
N ASN A 136 -15.13 8.31 7.79
CA ASN A 136 -15.51 7.00 7.26
C ASN A 136 -16.59 7.00 6.21
N ASN A 137 -16.32 6.18 5.19
CA ASN A 137 -17.15 5.94 4.01
C ASN A 137 -17.55 7.16 3.21
N PHE A 138 -16.79 7.42 2.17
CA PHE A 138 -17.10 8.48 1.22
C PHE A 138 -16.67 8.01 -0.17
N TYR A 139 -16.91 8.85 -1.17
CA TYR A 139 -16.48 8.64 -2.53
C TYR A 139 -16.71 9.97 -3.25
N PRO A 140 -15.79 10.51 -4.05
CA PRO A 140 -14.51 9.89 -4.37
C PRO A 140 -13.47 9.98 -3.25
N LYS A 141 -12.31 9.38 -3.57
CA LYS A 141 -11.13 9.30 -2.71
C LYS A 141 -10.73 10.64 -2.11
N ASP A 142 -10.67 11.70 -2.95
CA ASP A 142 -10.24 13.03 -2.54
C ASP A 142 -11.00 13.61 -1.36
N ILE A 143 -10.26 13.89 -0.31
CA ILE A 143 -10.80 14.63 0.79
C ILE A 143 -9.60 15.43 1.27
N ASN A 144 -9.83 16.68 1.67
CA ASN A 144 -8.76 17.53 2.14
C ASN A 144 -9.14 17.81 3.58
N VAL A 145 -8.48 17.24 4.60
CA VAL A 145 -8.90 17.52 5.96
C VAL A 145 -7.98 18.51 6.69
N LYS A 146 -8.54 19.58 7.24
CA LYS A 146 -7.79 20.58 7.97
C LYS A 146 -7.93 20.37 9.46
N TRP A 147 -6.84 20.62 10.19
CA TRP A 147 -6.81 20.56 11.65
C TRP A 147 -6.68 21.96 12.23
N LYS A 148 -7.55 22.29 13.18
CA LYS A 148 -7.53 23.60 13.79
C LYS A 148 -7.60 23.44 15.30
N ILE A 149 -6.85 24.32 15.92
CA ILE A 149 -6.79 24.41 17.37
C ILE A 149 -7.89 25.46 17.67
N ASP A 150 -7.67 26.65 18.25
CA ASP A 150 -8.79 27.56 18.51
C ASP A 150 -8.88 28.43 17.26
N GLY A 151 -9.47 27.83 16.22
CA GLY A 151 -9.58 28.44 14.90
C GLY A 151 -8.22 28.49 14.19
N SER A 152 -7.13 28.14 14.87
CA SER A 152 -5.78 28.19 14.35
C SER A 152 -5.42 26.94 13.55
N GLU A 153 -5.24 27.07 12.23
CA GLU A 153 -4.89 25.95 11.36
C GLU A 153 -3.51 25.40 11.68
N ARG A 154 -3.45 24.18 12.20
CA ARG A 154 -2.21 23.52 12.49
C ARG A 154 -2.11 22.48 11.39
N ALA A 155 -0.92 22.46 10.82
CA ALA A 155 -0.65 21.44 9.80
C ALA A 155 0.49 20.46 10.21
N GLN A 156 1.51 20.75 11.03
CA GLN A 156 2.42 19.67 11.37
C GLN A 156 1.83 18.86 12.52
N GLY A 157 2.28 17.63 12.80
CA GLY A 157 1.67 16.81 13.82
C GLY A 157 0.60 15.91 13.20
N VAL A 158 0.02 16.34 12.07
CA VAL A 158 -1.03 15.64 11.30
C VAL A 158 -0.45 14.41 10.64
N LEU A 159 -1.02 13.23 10.89
CA LEU A 159 -0.65 12.00 10.21
C LEU A 159 -1.93 11.58 9.43
N ASN A 160 -1.90 11.22 8.14
CA ASN A 160 -3.11 10.81 7.46
C ASN A 160 -2.91 9.47 6.78
N SER A 161 -3.85 8.52 6.83
CA SER A 161 -3.76 7.32 6.03
C SER A 161 -5.15 6.97 5.62
N TRP A 162 -5.31 6.45 4.40
CA TRP A 162 -6.60 6.09 3.83
C TRP A 162 -6.75 4.59 3.74
N THR A 163 -7.96 4.10 3.76
CA THR A 163 -8.20 2.68 3.64
C THR A 163 -8.14 2.36 2.16
N ASP A 164 -7.91 1.11 1.84
CA ASP A 164 -7.98 0.60 0.48
C ASP A 164 -9.47 0.66 0.12
N GLN A 165 -9.87 0.53 -1.14
CA GLN A 165 -11.29 0.55 -1.47
C GLN A 165 -11.90 -0.78 -1.07
N ASP A 166 -12.88 -0.58 -0.20
CA ASP A 166 -13.67 -1.63 0.39
C ASP A 166 -14.46 -2.44 -0.63
N SER A 167 -14.06 -3.69 -0.82
CA SER A 167 -14.73 -4.65 -1.69
C SER A 167 -16.27 -4.66 -1.70
N LYS A 168 -16.87 -4.50 -0.53
CA LYS A 168 -18.30 -4.67 -0.43
C LYS A 168 -19.07 -3.38 -0.21
N ASP A 169 -18.59 -2.25 -0.76
CA ASP A 169 -19.22 -0.93 -0.55
C ASP A 169 -18.64 0.12 -1.47
N SER A 170 -17.38 -0.07 -1.83
CA SER A 170 -16.62 0.74 -2.77
C SER A 170 -16.32 2.21 -2.44
N THR A 171 -16.39 2.49 -1.13
CA THR A 171 -16.02 3.78 -0.57
C THR A 171 -14.53 3.79 -0.15
N TYR A 172 -14.07 4.86 0.50
CA TYR A 172 -12.76 4.94 1.09
C TYR A 172 -12.98 5.61 2.44
N SER A 173 -12.16 5.33 3.46
CA SER A 173 -12.25 6.03 4.72
C SER A 173 -10.85 6.58 5.01
N MET A 174 -10.75 7.50 5.97
CA MET A 174 -9.49 8.12 6.29
C MET A 174 -9.43 8.27 7.80
N SER A 175 -8.23 8.45 8.35
CA SER A 175 -7.98 8.58 9.77
C SER A 175 -7.13 9.83 9.85
N SER A 176 -7.27 10.72 10.83
CA SER A 176 -6.37 11.85 10.89
C SER A 176 -6.04 12.09 12.34
N THR A 177 -4.75 12.00 12.65
CA THR A 177 -4.27 12.15 13.99
C THR A 177 -3.36 13.35 14.10
N LEU A 178 -3.51 14.11 15.18
CA LEU A 178 -2.71 15.29 15.40
C LEU A 178 -1.95 14.98 16.65
N THR A 179 -0.65 14.78 16.54
CA THR A 179 0.17 14.47 17.70
C THR A 179 0.85 15.71 18.27
N LEU A 180 0.48 15.94 19.51
CA LEU A 180 0.90 17.09 20.29
C LEU A 180 1.42 16.60 21.64
N THR A 181 2.23 17.44 22.27
CA THR A 181 2.76 17.19 23.59
C THR A 181 1.75 17.56 24.67
N LYS A 182 1.72 16.91 25.84
CA LYS A 182 0.76 17.18 26.89
C LYS A 182 0.51 18.66 27.20
N ASP A 183 1.58 19.43 27.12
CA ASP A 183 1.56 20.83 27.48
C ASP A 183 0.82 21.68 26.46
N GLU A 184 1.14 21.44 25.19
CA GLU A 184 0.53 22.17 24.09
C GLU A 184 -0.98 21.92 24.10
N TYR A 185 -1.32 20.67 24.37
CA TYR A 185 -2.69 20.24 24.46
C TYR A 185 -3.47 20.88 25.61
N GLU A 186 -2.83 20.96 26.79
CA GLU A 186 -3.48 21.54 27.94
C GLU A 186 -3.63 23.05 27.85
N ARG A 187 -2.81 23.71 27.04
CA ARG A 187 -2.98 25.12 26.87
C ARG A 187 -3.95 25.47 25.71
N HIS A 188 -5.01 24.71 25.34
CA HIS A 188 -5.90 25.12 24.23
C HIS A 188 -7.39 24.81 24.12
N ASN A 189 -8.11 23.91 24.78
CA ASN A 189 -9.59 23.71 24.64
C ASN A 189 -10.32 23.34 23.33
N SER A 190 -10.27 24.10 22.23
CA SER A 190 -10.95 23.70 20.99
C SER A 190 -9.99 23.08 20.01
N TYR A 191 -10.50 21.99 19.43
CA TYR A 191 -9.78 21.22 18.42
C TYR A 191 -10.86 20.81 17.44
N THR A 192 -10.51 21.12 16.21
CA THR A 192 -11.41 21.09 15.08
C THR A 192 -10.85 20.30 13.89
N CYS A 193 -11.68 19.45 13.35
CA CYS A 193 -11.40 18.65 12.17
C CYS A 193 -12.31 19.12 11.01
N GLU A 194 -11.73 19.53 9.89
CA GLU A 194 -12.45 20.16 8.79
C GLU A 194 -12.27 19.54 7.41
N ALA A 195 -13.16 18.61 7.04
CA ALA A 195 -13.09 17.96 5.74
C ALA A 195 -13.72 18.79 4.62
N THR A 196 -12.93 19.14 3.62
CA THR A 196 -13.40 19.84 2.44
C THR A 196 -13.58 18.74 1.37
N HIS A 197 -14.79 18.21 1.13
CA HIS A 197 -14.97 17.12 0.20
C HIS A 197 -16.02 17.47 -0.83
N LYS A 198 -15.73 17.13 -2.08
CA LYS A 198 -16.63 17.25 -3.23
C LYS A 198 -18.12 17.11 -2.96
N THR A 199 -18.58 16.20 -2.12
CA THR A 199 -20.01 15.99 -1.91
C THR A 199 -20.75 17.21 -1.37
N SER A 200 -20.07 18.17 -0.73
CA SER A 200 -20.71 19.32 -0.14
C SER A 200 -19.79 20.51 -0.29
N THR A 201 -20.41 21.60 -0.69
CA THR A 201 -19.76 22.88 -0.84
C THR A 201 -19.24 23.33 0.51
N SER A 202 -20.06 23.33 1.56
CA SER A 202 -19.60 23.75 2.88
C SER A 202 -18.74 22.67 3.52
N PRO A 203 -17.60 23.03 4.11
CA PRO A 203 -16.72 22.12 4.85
C PRO A 203 -17.46 21.45 5.97
N ILE A 204 -17.09 20.20 6.23
CA ILE A 204 -17.65 19.44 7.33
C ILE A 204 -16.65 19.73 8.44
N VAL A 205 -17.13 20.48 9.44
CA VAL A 205 -16.34 20.85 10.60
C VAL A 205 -16.87 20.04 11.77
N LYS A 206 -15.98 19.54 12.62
CA LYS A 206 -16.32 18.85 13.85
C LYS A 206 -15.40 19.35 14.95
N SER A 207 -15.94 19.72 16.11
CA SER A 207 -15.15 20.18 17.24
C SER A 207 -15.69 19.55 18.50
N PHE A 208 -14.79 19.34 19.47
CA PHE A 208 -15.16 18.81 20.77
C PHE A 208 -14.62 19.84 21.76
N ASN A 209 -15.36 20.13 22.82
CA ASN A 209 -14.95 21.12 23.79
C ASN A 209 -14.13 20.34 24.81
N ARG A 210 -12.86 20.69 24.97
CA ARG A 210 -11.95 20.00 25.87
C ARG A 210 -12.40 19.77 27.32
N ASN A 211 -12.53 18.46 27.56
CA ASN A 211 -12.85 17.85 28.84
C ASN A 211 -14.16 18.23 29.55
N GLU A 212 -14.37 19.50 29.87
CA GLU A 212 -15.54 19.94 30.62
C GLU A 212 -16.89 19.75 29.91
N CYS A 213 -16.78 19.48 28.60
CA CYS A 213 -17.86 19.33 27.64
C CYS A 213 -18.39 20.76 27.37
N GLU B 1 7.33 -28.07 -8.78
CA GLU B 1 7.31 -27.80 -10.20
C GLU B 1 8.30 -26.64 -10.32
N VAL B 2 8.25 -25.76 -11.31
CA VAL B 2 9.21 -24.66 -11.35
C VAL B 2 8.83 -23.58 -10.35
N GLN B 3 9.78 -23.32 -9.45
CA GLN B 3 9.58 -22.38 -8.36
C GLN B 3 10.75 -21.40 -8.34
N LEU B 4 10.60 -20.08 -8.11
CA LEU B 4 11.79 -19.34 -7.80
C LEU B 4 11.57 -18.99 -6.34
N GLN B 5 12.35 -19.52 -5.38
CA GLN B 5 12.12 -19.25 -3.97
C GLN B 5 13.06 -18.20 -3.47
N GLU B 6 12.50 -17.19 -2.82
CA GLU B 6 13.23 -16.01 -2.35
C GLU B 6 13.48 -16.01 -0.86
N SER B 7 14.48 -15.22 -0.42
CA SER B 7 14.86 -15.07 0.99
C SER B 7 13.72 -14.39 1.71
N GLY B 8 13.59 -14.73 2.99
CA GLY B 8 12.58 -14.15 3.87
C GLY B 8 12.90 -12.69 4.15
N THR B 9 11.99 -11.91 4.74
CA THR B 9 12.23 -10.53 5.10
C THR B 9 13.61 -10.19 5.65
N GLU B 10 14.27 -9.25 5.03
CA GLU B 10 15.53 -8.81 5.58
C GLU B 10 15.25 -7.46 6.24
N LEU B 11 15.43 -7.36 7.55
CA LEU B 11 15.30 -6.11 8.28
C LEU B 11 16.74 -5.61 8.46
N VAL B 12 17.11 -4.42 8.01
CA VAL B 12 18.47 -4.00 8.15
C VAL B 12 18.72 -2.49 8.30
N LYS B 13 19.82 -2.17 9.01
CA LYS B 13 20.33 -0.84 9.32
C LYS B 13 20.95 -0.05 8.16
N PRO B 14 20.65 1.24 8.06
CA PRO B 14 21.03 2.10 6.96
C PRO B 14 22.51 2.13 6.85
N GLY B 15 22.95 2.18 5.63
CA GLY B 15 24.36 2.25 5.37
C GLY B 15 24.91 0.87 5.08
N ALA B 16 24.27 -0.19 5.58
CA ALA B 16 24.73 -1.54 5.40
C ALA B 16 24.59 -2.07 3.97
N SER B 17 24.82 -3.39 3.82
CA SER B 17 24.67 -4.09 2.56
C SER B 17 23.83 -5.31 2.80
N VAL B 18 22.91 -5.62 1.87
CA VAL B 18 22.09 -6.81 2.00
C VAL B 18 22.29 -7.75 0.80
N LYS B 19 22.13 -9.06 0.92
CA LYS B 19 22.18 -9.94 -0.21
C LYS B 19 20.94 -10.82 -0.08
N ILE B 20 20.16 -10.75 -1.17
CA ILE B 20 18.88 -11.42 -1.34
C ILE B 20 19.03 -12.47 -2.46
N SER B 21 18.34 -13.61 -2.38
CA SER B 21 18.49 -14.76 -3.28
C SER B 21 17.28 -15.11 -4.11
N CYS B 22 17.49 -15.97 -5.10
CA CYS B 22 16.45 -16.49 -5.98
C CYS B 22 16.86 -17.95 -6.26
N LYS B 23 16.35 -18.92 -5.48
CA LYS B 23 16.66 -20.36 -5.53
C LYS B 23 15.82 -21.07 -6.60
N ALA B 24 16.39 -21.16 -7.78
CA ALA B 24 15.71 -21.69 -8.94
C ALA B 24 15.51 -23.20 -9.03
N SER B 25 14.37 -23.73 -8.57
CA SER B 25 14.16 -25.16 -8.66
C SER B 25 13.29 -25.46 -9.89
N GLY B 26 13.16 -26.75 -10.14
CA GLY B 26 12.22 -27.24 -11.13
C GLY B 26 12.54 -26.97 -12.57
N TYR B 27 13.69 -26.53 -13.04
CA TYR B 27 13.97 -26.32 -14.44
C TYR B 27 15.50 -26.22 -14.66
N ILE B 28 16.19 -25.96 -15.79
CA ILE B 28 17.67 -26.00 -15.79
C ILE B 28 18.13 -24.56 -15.65
N SER B 29 18.70 -24.17 -14.48
CA SER B 29 19.10 -22.78 -14.24
C SER B 29 19.71 -22.02 -15.42
N THR B 30 20.65 -22.57 -16.18
CA THR B 30 21.36 -21.86 -17.25
C THR B 30 20.49 -21.47 -18.44
N ASP B 31 19.22 -21.93 -18.48
CA ASP B 31 18.36 -21.69 -19.65
C ASP B 31 17.77 -20.30 -19.84
N HIS B 32 17.50 -19.69 -18.71
CA HIS B 32 16.84 -18.41 -18.68
C HIS B 32 17.68 -17.50 -17.80
N ALA B 33 17.67 -16.24 -18.24
CA ALA B 33 18.28 -15.19 -17.48
C ALA B 33 17.32 -14.85 -16.34
N ILE B 34 17.90 -14.45 -15.22
CA ILE B 34 17.13 -13.98 -14.10
C ILE B 34 17.12 -12.46 -14.10
N HIS B 35 15.96 -11.82 -14.12
CA HIS B 35 15.92 -10.37 -13.95
C HIS B 35 15.47 -10.10 -12.52
N TRP B 36 15.85 -8.95 -11.93
CA TRP B 36 15.37 -8.57 -10.60
C TRP B 36 14.49 -7.34 -10.83
N VAL B 37 13.38 -7.21 -10.12
CA VAL B 37 12.44 -6.16 -10.37
C VAL B 37 12.11 -5.59 -8.99
N LYS B 38 12.03 -4.26 -8.86
CA LYS B 38 11.79 -3.52 -7.61
C LYS B 38 10.34 -3.07 -7.43
N GLN B 39 9.68 -3.38 -6.34
CA GLN B 39 8.30 -2.98 -6.19
C GLN B 39 8.10 -1.94 -5.07
N ARG B 40 7.79 -0.77 -5.64
CA ARG B 40 7.62 0.45 -4.90
C ARG B 40 6.32 0.49 -4.15
N PRO B 41 6.45 0.97 -2.89
CA PRO B 41 5.30 1.24 -2.04
C PRO B 41 4.41 2.27 -2.72
N GLU B 42 3.14 1.89 -2.57
CA GLU B 42 1.97 2.54 -3.12
C GLU B 42 1.87 2.17 -4.59
N GLN B 43 2.82 2.44 -5.49
CA GLN B 43 2.63 2.04 -6.88
C GLN B 43 3.95 2.10 -7.63
N GLY B 44 4.14 1.31 -8.69
CA GLY B 44 5.33 1.39 -9.52
C GLY B 44 6.16 0.12 -9.54
N LEU B 45 6.83 -0.16 -10.66
CA LEU B 45 7.73 -1.27 -10.78
C LEU B 45 9.02 -0.77 -11.46
N GLU B 46 10.20 -1.14 -10.99
CA GLU B 46 11.45 -0.69 -11.57
C GLU B 46 12.41 -1.82 -11.90
N TRP B 47 12.82 -1.94 -13.15
CA TRP B 47 13.74 -3.01 -13.51
C TRP B 47 15.16 -2.75 -12.94
N ILE B 48 15.79 -3.67 -12.21
CA ILE B 48 17.14 -3.44 -11.68
C ILE B 48 18.20 -3.96 -12.67
N GLY B 49 18.21 -5.22 -13.08
CA GLY B 49 19.09 -5.73 -14.16
C GLY B 49 18.87 -7.24 -14.36
N TYR B 50 19.71 -7.92 -15.14
CA TYR B 50 19.58 -9.37 -15.23
C TYR B 50 20.90 -10.09 -15.27
N ILE B 51 20.93 -11.31 -14.77
CA ILE B 51 22.11 -12.12 -15.00
C ILE B 51 21.72 -13.36 -15.78
N SER B 52 22.39 -13.62 -16.89
CA SER B 52 22.14 -14.82 -17.67
C SER B 52 23.04 -15.95 -17.16
N PRO B 53 22.76 -16.94 -16.34
CA PRO B 53 23.73 -17.96 -15.92
C PRO B 53 24.37 -18.72 -17.07
N GLY B 54 23.93 -18.61 -18.33
CA GLY B 54 24.51 -19.31 -19.46
C GLY B 54 25.80 -18.66 -19.89
N ASN B 55 25.74 -17.73 -20.85
CA ASN B 55 26.94 -17.02 -21.25
C ASN B 55 27.48 -16.11 -20.19
N GLY B 56 26.75 -15.86 -19.11
CA GLY B 56 27.29 -15.11 -18.00
C GLY B 56 27.19 -13.60 -18.16
N ASP B 57 26.52 -12.96 -19.12
CA ASP B 57 26.56 -11.50 -19.09
C ASP B 57 25.48 -11.03 -18.16
N ILE B 58 25.76 -9.88 -17.55
CA ILE B 58 24.85 -9.24 -16.61
C ILE B 58 24.57 -7.89 -17.28
N LYS B 59 23.39 -7.29 -17.26
CA LYS B 59 23.25 -5.92 -17.77
C LYS B 59 22.43 -5.17 -16.71
N TYR B 60 22.79 -3.93 -16.35
CA TYR B 60 22.07 -3.22 -15.29
C TYR B 60 21.35 -2.01 -15.82
N ASN B 61 20.33 -1.65 -15.06
CA ASN B 61 19.62 -0.40 -15.26
C ASN B 61 20.70 0.64 -14.95
N GLU B 62 21.01 1.68 -15.77
CA GLU B 62 22.06 2.69 -15.46
C GLU B 62 21.91 3.16 -14.01
N LYS B 63 20.66 3.44 -13.66
CA LYS B 63 20.27 3.93 -12.36
C LYS B 63 20.68 2.99 -11.25
N PHE B 64 20.87 1.72 -11.48
CA PHE B 64 21.22 0.83 -10.39
C PHE B 64 22.65 0.35 -10.39
N LYS B 65 23.40 0.71 -11.43
CA LYS B 65 24.81 0.34 -11.54
C LYS B 65 25.65 0.32 -10.26
N VAL B 66 25.50 1.30 -9.36
CA VAL B 66 26.30 1.39 -8.12
C VAL B 66 25.58 0.76 -6.92
N LYS B 67 24.27 0.69 -6.99
CA LYS B 67 23.48 0.21 -5.87
C LYS B 67 23.39 -1.31 -5.81
N ALA B 68 23.32 -1.94 -7.00
CA ALA B 68 23.14 -3.37 -7.09
C ALA B 68 24.35 -4.08 -7.67
N THR B 69 24.58 -5.25 -7.11
CA THR B 69 25.55 -6.21 -7.58
C THR B 69 24.79 -7.53 -7.82
N LEU B 70 24.76 -7.95 -9.09
CA LEU B 70 24.10 -9.19 -9.48
C LEU B 70 25.11 -10.30 -9.71
N THR B 71 24.74 -11.46 -9.16
CA THR B 71 25.57 -12.67 -9.11
C THR B 71 24.77 -13.99 -9.14
N ALA B 72 25.36 -15.13 -9.54
CA ALA B 72 24.70 -16.44 -9.50
C ALA B 72 25.64 -17.51 -9.01
N ASP B 73 25.24 -18.37 -8.08
CA ASP B 73 26.02 -19.53 -7.66
C ASP B 73 25.48 -20.65 -8.55
N GLN B 74 26.18 -20.84 -9.69
CA GLN B 74 25.78 -21.84 -10.66
C GLN B 74 25.58 -23.21 -10.01
N SER B 75 26.53 -23.80 -9.28
CA SER B 75 26.36 -25.12 -8.65
C SER B 75 25.05 -25.37 -7.90
N SER B 76 24.45 -24.32 -7.29
CA SER B 76 23.19 -24.49 -6.56
C SER B 76 21.99 -23.74 -7.13
N SER B 77 22.17 -23.16 -8.31
CA SER B 77 21.12 -22.45 -9.01
C SER B 77 20.43 -21.42 -8.12
N THR B 78 21.25 -20.67 -7.39
CA THR B 78 20.71 -19.63 -6.56
C THR B 78 21.33 -18.37 -7.12
N ALA B 79 20.56 -17.39 -7.61
CA ALA B 79 21.11 -16.12 -8.06
C ALA B 79 20.86 -15.14 -6.92
N TYR B 80 21.83 -14.30 -6.63
CA TYR B 80 21.72 -13.33 -5.54
C TYR B 80 21.94 -11.92 -6.09
N MET B 81 21.26 -10.97 -5.44
CA MET B 81 21.41 -9.56 -5.71
C MET B 81 21.84 -9.01 -4.37
N GLN B 82 22.84 -8.15 -4.43
CA GLN B 82 23.34 -7.45 -3.26
C GLN B 82 23.04 -5.98 -3.43
N LEU B 83 22.59 -5.38 -2.35
CA LEU B 83 22.30 -3.97 -2.35
C LEU B 83 23.21 -3.27 -1.32
N ASN B 84 24.07 -2.42 -1.85
CA ASN B 84 25.06 -1.67 -1.08
C ASN B 84 24.47 -0.35 -0.54
N SER B 85 24.85 0.26 0.61
CA SER B 85 24.44 1.61 1.00
C SER B 85 22.95 1.82 1.16
N LEU B 86 22.35 0.95 1.94
CA LEU B 86 20.92 0.99 2.05
C LEU B 86 20.40 2.26 2.72
N THR B 87 19.70 3.10 1.95
CA THR B 87 19.04 4.27 2.48
C THR B 87 17.65 3.81 2.89
N SER B 88 16.80 4.65 3.49
CA SER B 88 15.41 4.28 3.79
C SER B 88 14.58 4.10 2.53
N GLU B 89 15.04 4.68 1.41
CA GLU B 89 14.37 4.57 0.12
C GLU B 89 14.41 3.15 -0.45
N ASP B 90 15.26 2.26 0.03
CA ASP B 90 15.30 0.92 -0.50
C ASP B 90 14.32 0.08 0.26
N SER B 91 13.54 0.60 1.19
CA SER B 91 12.48 -0.20 1.72
C SER B 91 11.54 -0.42 0.52
N ALA B 92 11.19 -1.71 0.31
CA ALA B 92 10.53 -2.18 -0.89
C ALA B 92 10.35 -3.68 -0.91
N VAL B 93 9.66 -4.26 -1.92
CA VAL B 93 9.57 -5.72 -2.09
C VAL B 93 10.48 -5.92 -3.27
N TYR B 94 11.41 -6.87 -3.28
CA TYR B 94 12.21 -7.13 -4.48
C TYR B 94 11.84 -8.52 -4.96
N PHE B 95 11.78 -8.71 -6.29
CA PHE B 95 11.40 -9.95 -6.95
C PHE B 95 12.46 -10.31 -7.99
N CYS B 96 12.66 -11.62 -8.19
CA CYS B 96 13.43 -12.13 -9.31
C CYS B 96 12.44 -12.86 -10.21
N LYS B 97 12.70 -12.96 -11.49
CA LYS B 97 11.82 -13.72 -12.36
C LYS B 97 12.73 -14.27 -13.44
N ARG B 98 12.44 -15.51 -13.88
CA ARG B 98 13.19 -16.08 -15.01
C ARG B 98 12.59 -15.50 -16.26
N SER B 99 13.39 -15.25 -17.30
CA SER B 99 12.88 -14.64 -18.50
C SER B 99 11.83 -15.49 -19.17
N TYR B 100 10.95 -14.86 -19.93
CA TYR B 100 9.89 -15.51 -20.68
C TYR B 100 10.36 -15.61 -22.12
N TYR B 101 10.50 -16.79 -22.74
CA TYR B 101 10.82 -16.79 -24.17
C TYR B 101 9.61 -17.15 -25.06
N GLY B 102 9.58 -16.51 -26.24
CA GLY B 102 8.60 -16.72 -27.29
C GLY B 102 7.15 -16.76 -26.80
N SER B 103 6.46 -17.88 -27.01
CA SER B 103 5.10 -18.01 -26.53
C SER B 103 5.06 -19.22 -25.62
N SER B 104 5.39 -18.95 -24.35
CA SER B 104 5.38 -19.93 -23.28
C SER B 104 4.06 -19.79 -22.52
N TYR B 105 3.64 -20.79 -21.75
CA TYR B 105 2.35 -20.80 -21.07
C TYR B 105 2.12 -19.79 -19.96
N VAL B 106 3.12 -19.66 -19.11
CA VAL B 106 3.01 -18.84 -17.92
C VAL B 106 4.35 -18.20 -17.66
N ASP B 107 4.37 -17.07 -16.93
CA ASP B 107 5.58 -16.29 -16.60
C ASP B 107 5.91 -16.51 -15.12
N TYR B 108 7.11 -17.00 -14.80
CA TYR B 108 7.41 -17.39 -13.43
C TYR B 108 8.12 -16.31 -12.64
N TRP B 109 7.43 -15.73 -11.64
CA TRP B 109 7.97 -14.70 -10.75
C TRP B 109 8.27 -15.30 -9.36
N GLY B 110 9.23 -14.76 -8.58
CA GLY B 110 9.49 -15.26 -7.25
C GLY B 110 8.44 -14.74 -6.30
N GLN B 111 8.31 -15.15 -5.05
CA GLN B 111 7.35 -14.54 -4.15
C GLN B 111 7.79 -13.19 -3.57
N GLY B 112 9.01 -12.77 -3.86
CA GLY B 112 9.51 -11.50 -3.35
C GLY B 112 10.00 -11.59 -1.92
N THR B 113 10.95 -10.69 -1.69
CA THR B 113 11.60 -10.47 -0.38
C THR B 113 11.29 -9.05 0.13
N THR B 114 10.77 -8.79 1.31
CA THR B 114 10.64 -7.40 1.71
C THR B 114 11.89 -7.13 2.51
N LEU B 115 12.45 -5.98 2.13
CA LEU B 115 13.60 -5.35 2.76
C LEU B 115 13.01 -4.11 3.43
N THR B 116 12.98 -4.05 4.76
CA THR B 116 12.63 -2.80 5.40
C THR B 116 13.94 -2.37 6.06
N VAL B 117 14.45 -1.24 5.59
CA VAL B 117 15.73 -0.71 6.03
C VAL B 117 15.69 0.41 7.07
N SER B 118 16.16 0.17 8.28
CA SER B 118 16.18 1.18 9.31
C SER B 118 17.08 0.84 10.49
N SER B 119 17.25 1.86 11.30
CA SER B 119 17.98 1.86 12.56
C SER B 119 17.07 1.65 13.77
N ALA B 120 15.82 1.22 13.65
CA ALA B 120 14.96 1.12 14.81
C ALA B 120 14.97 -0.26 15.41
N LYS B 121 14.64 -0.45 16.68
CA LYS B 121 14.64 -1.80 17.21
C LYS B 121 13.23 -2.19 17.62
N THR B 122 12.96 -3.48 17.82
CA THR B 122 11.65 -3.98 18.20
C THR B 122 11.03 -3.24 19.38
N THR B 123 9.80 -2.77 19.24
CA THR B 123 9.18 -1.99 20.28
C THR B 123 7.73 -2.44 20.33
N PRO B 124 7.16 -2.78 21.48
CA PRO B 124 5.76 -3.15 21.64
C PRO B 124 4.86 -1.95 21.41
N PRO B 125 3.67 -2.11 20.85
CA PRO B 125 2.86 -0.99 20.43
C PRO B 125 2.24 -0.32 21.65
N SER B 126 1.99 0.97 21.65
CA SER B 126 1.35 1.60 22.79
C SER B 126 -0.10 1.74 22.41
N VAL B 127 -1.02 0.96 22.99
CA VAL B 127 -2.42 0.98 22.56
C VAL B 127 -3.29 1.98 23.30
N TYR B 128 -4.09 2.86 22.68
CA TYR B 128 -5.01 3.71 23.45
C TYR B 128 -6.44 3.64 22.92
N PRO B 129 -7.44 3.53 23.77
CA PRO B 129 -8.85 3.51 23.44
C PRO B 129 -9.43 4.83 22.96
N LEU B 130 -10.33 4.80 22.00
CA LEU B 130 -10.94 5.99 21.45
C LEU B 130 -12.44 5.81 21.52
N ALA B 131 -13.09 6.59 22.39
CA ALA B 131 -14.52 6.49 22.61
C ALA B 131 -15.09 7.90 22.65
N PRO B 132 -16.29 8.20 22.14
CA PRO B 132 -16.71 9.54 21.72
C PRO B 132 -16.76 10.73 22.68
N GLY B 133 -16.45 10.57 23.96
CA GLY B 133 -16.55 11.67 24.91
C GLY B 133 -18.01 12.08 25.17
N CYS B 134 -18.24 13.24 25.78
CA CYS B 134 -19.60 13.63 26.13
C CYS B 134 -20.30 14.48 25.08
N GLY B 135 -20.17 14.14 23.80
CA GLY B 135 -20.77 14.95 22.76
C GLY B 135 -22.22 14.59 22.49
N ASP B 136 -23.15 14.88 23.44
CA ASP B 136 -24.58 14.60 23.31
C ASP B 136 -24.95 13.12 23.24
N THR B 137 -24.52 12.35 22.25
CA THR B 137 -24.74 10.91 22.13
C THR B 137 -26.20 10.43 22.14
N THR B 138 -27.18 11.31 21.94
CA THR B 138 -28.59 10.92 21.95
C THR B 138 -29.07 10.40 20.59
N GLY B 139 -28.29 9.53 19.96
CA GLY B 139 -28.67 8.98 18.67
C GLY B 139 -27.46 8.69 17.81
N SER B 140 -27.82 8.37 16.56
CA SER B 140 -26.93 7.94 15.50
C SER B 140 -26.40 6.56 15.90
N SER B 141 -25.21 6.16 15.44
CA SER B 141 -24.54 4.91 15.78
C SER B 141 -23.43 5.31 16.73
N VAL B 142 -22.44 4.46 16.94
CA VAL B 142 -21.24 4.87 17.64
C VAL B 142 -20.09 4.20 16.90
N THR B 143 -18.99 4.95 16.79
CA THR B 143 -17.79 4.52 16.11
C THR B 143 -16.75 4.48 17.24
N LEU B 144 -16.07 3.35 17.45
CA LEU B 144 -15.09 3.26 18.51
C LEU B 144 -13.76 2.96 17.84
N GLY B 145 -12.66 3.46 18.37
CA GLY B 145 -11.39 3.29 17.71
C GLY B 145 -10.29 2.92 18.70
N CYS B 146 -9.18 2.45 18.17
CA CYS B 146 -8.02 2.13 18.99
C CYS B 146 -6.81 2.52 18.16
N LEU B 147 -5.95 3.24 18.85
CA LEU B 147 -4.79 3.83 18.28
C LEU B 147 -3.57 2.99 18.65
N VAL B 148 -2.98 2.34 17.68
CA VAL B 148 -1.85 1.46 17.89
C VAL B 148 -0.66 2.36 17.62
N LYS B 149 -0.20 3.04 18.66
CA LYS B 149 0.83 4.03 18.50
C LYS B 149 2.25 3.59 18.80
N GLY B 150 3.13 3.80 17.83
CA GLY B 150 4.56 3.60 17.98
C GLY B 150 5.02 2.18 18.19
N TYR B 151 5.32 1.49 17.09
CA TYR B 151 5.85 0.14 17.14
C TYR B 151 6.85 -0.13 16.01
N PHE B 152 7.65 -1.17 16.20
CA PHE B 152 8.53 -1.65 15.16
C PHE B 152 8.61 -3.15 15.40
N PRO B 153 8.67 -4.02 14.41
CA PRO B 153 8.39 -3.71 13.02
C PRO B 153 6.91 -3.95 12.71
N GLU B 154 6.55 -3.69 11.44
CA GLU B 154 5.21 -3.93 10.95
C GLU B 154 4.91 -5.41 11.12
N SER B 155 3.68 -5.54 11.62
CA SER B 155 2.96 -6.76 11.86
C SER B 155 2.16 -6.38 13.08
N VAL B 156 0.91 -6.00 13.00
CA VAL B 156 0.10 -5.73 14.19
C VAL B 156 -1.30 -6.10 13.71
N THR B 157 -1.99 -6.90 14.51
CA THR B 157 -3.30 -7.35 14.14
C THR B 157 -4.25 -6.87 15.20
N VAL B 158 -5.22 -6.06 14.76
CA VAL B 158 -6.14 -5.45 15.70
C VAL B 158 -7.46 -6.15 15.47
N THR B 159 -7.69 -7.12 16.34
CA THR B 159 -8.90 -7.90 16.26
C THR B 159 -9.94 -7.15 17.07
N TRP B 160 -11.11 -6.90 16.49
CA TRP B 160 -12.11 -6.19 17.26
C TRP B 160 -13.05 -7.10 17.98
N ASN B 161 -13.19 -6.82 19.27
CA ASN B 161 -14.11 -7.52 20.16
C ASN B 161 -13.87 -9.00 20.12
N SER B 162 -12.59 -9.37 20.18
CA SER B 162 -12.12 -10.75 20.06
C SER B 162 -12.78 -11.49 18.89
N GLY B 163 -13.02 -10.73 17.81
CA GLY B 163 -13.62 -11.23 16.58
C GLY B 163 -15.10 -10.90 16.45
N GLY B 164 -15.85 -10.77 17.56
CA GLY B 164 -17.29 -10.55 17.55
C GLY B 164 -17.68 -9.39 16.63
N LEU B 165 -17.02 -8.26 16.83
CA LEU B 165 -17.34 -7.13 15.99
C LEU B 165 -16.54 -7.13 14.70
N SER B 166 -17.05 -7.93 13.78
CA SER B 166 -16.54 -7.96 12.43
C SER B 166 -17.28 -6.93 11.57
N SER B 167 -18.53 -6.65 11.98
CA SER B 167 -19.52 -5.75 11.38
C SER B 167 -19.06 -4.78 10.28
N SER B 168 -18.30 -3.75 10.63
CA SER B 168 -17.69 -2.84 9.69
C SER B 168 -16.49 -2.37 10.47
N VAL B 169 -15.37 -3.04 10.20
CA VAL B 169 -14.13 -2.66 10.83
C VAL B 169 -13.34 -1.94 9.73
N HIS B 170 -12.88 -0.71 9.93
CA HIS B 170 -11.99 -0.10 8.97
C HIS B 170 -10.64 -0.23 9.66
N THR B 171 -9.55 -0.58 8.97
CA THR B 171 -8.26 -0.67 9.59
C THR B 171 -7.36 0.15 8.68
N PHE B 172 -6.78 1.21 9.23
CA PHE B 172 -6.06 2.12 8.38
C PHE B 172 -4.62 1.68 8.30
N PRO B 173 -4.00 1.63 7.13
CA PRO B 173 -2.60 1.22 6.99
C PRO B 173 -1.65 2.02 7.89
N ALA B 174 -0.56 1.41 8.37
CA ALA B 174 0.37 2.05 9.27
C ALA B 174 1.30 2.99 8.54
N LEU B 175 1.64 4.15 9.11
CA LEU B 175 2.61 5.06 8.52
C LEU B 175 3.65 5.34 9.62
N LEU B 176 4.84 5.76 9.16
CA LEU B 176 5.95 6.06 10.00
C LEU B 176 5.86 7.41 10.70
N GLN B 177 5.89 7.38 12.02
CA GLN B 177 5.90 8.61 12.79
C GLN B 177 7.19 8.57 13.59
N SER B 178 8.02 9.57 13.33
CA SER B 178 9.29 9.75 14.02
C SER B 178 10.16 8.50 14.15
N GLY B 179 10.22 7.60 13.16
CA GLY B 179 11.06 6.42 13.31
C GLY B 179 10.30 5.16 13.70
N LEU B 180 9.08 5.23 14.25
CA LEU B 180 8.29 4.02 14.47
C LEU B 180 7.01 4.03 13.59
N TYR B 181 6.09 3.07 13.75
CA TYR B 181 4.84 2.99 12.99
C TYR B 181 3.66 3.25 13.91
N THR B 182 2.69 4.01 13.41
CA THR B 182 1.43 4.27 14.12
C THR B 182 0.34 3.73 13.17
N MET B 183 -0.76 3.22 13.70
CA MET B 183 -1.84 2.68 12.92
C MET B 183 -3.10 2.72 13.79
N SER B 184 -4.32 2.51 13.29
CA SER B 184 -5.56 2.56 14.07
C SER B 184 -6.67 1.79 13.40
N SER B 185 -7.75 1.47 14.10
CA SER B 185 -8.95 0.96 13.43
C SER B 185 -10.23 1.60 13.98
N SER B 186 -11.37 1.30 13.39
CA SER B 186 -12.63 1.83 13.83
C SER B 186 -13.67 0.75 13.64
N VAL B 187 -14.63 0.67 14.56
CA VAL B 187 -15.81 -0.15 14.35
C VAL B 187 -17.00 0.80 14.53
N THR B 188 -18.04 0.58 13.75
CA THR B 188 -19.27 1.31 13.98
C THR B 188 -20.27 0.22 14.37
N VAL B 189 -20.99 0.51 15.45
CA VAL B 189 -21.99 -0.39 16.03
C VAL B 189 -23.34 0.31 16.24
N PRO B 190 -24.46 -0.44 16.21
CA PRO B 190 -25.65 -0.16 15.41
C PRO B 190 -26.18 1.26 15.55
N GLY B 191 -26.67 1.55 16.74
CA GLY B 191 -27.21 2.86 17.07
C GLY B 191 -26.27 3.45 18.12
N GLY B 192 -26.74 4.46 18.87
CA GLY B 192 -25.93 5.01 19.94
C GLY B 192 -25.74 3.98 21.07
N GLY B 193 -24.77 4.41 21.89
CA GLY B 193 -24.39 3.80 23.18
C GLY B 193 -23.84 2.37 23.20
N TRP B 194 -22.54 2.17 22.96
CA TRP B 194 -21.97 0.83 23.07
C TRP B 194 -22.00 0.11 24.43
N PRO B 195 -22.01 0.68 25.67
CA PRO B 195 -21.86 -0.07 26.90
C PRO B 195 -22.85 -1.20 27.18
N SER B 196 -22.37 -2.39 26.83
CA SER B 196 -23.02 -3.64 27.14
C SER B 196 -21.86 -4.62 27.07
N ALA B 197 -21.63 -5.36 25.97
CA ALA B 197 -20.43 -6.19 25.86
C ALA B 197 -19.24 -5.21 25.90
N THR B 198 -18.27 -5.50 26.74
CA THR B 198 -17.10 -4.67 26.83
C THR B 198 -16.40 -4.96 25.50
N VAL B 199 -16.66 -3.98 24.61
CA VAL B 199 -16.20 -3.95 23.23
C VAL B 199 -14.78 -4.45 23.01
N THR B 200 -13.75 -3.86 23.61
CA THR B 200 -12.39 -4.35 23.51
C THR B 200 -11.74 -4.36 22.13
N CYS B 201 -10.60 -3.71 22.00
CA CYS B 201 -9.79 -3.94 20.83
C CYS B 201 -8.65 -4.77 21.39
N SER B 202 -8.12 -5.66 20.58
CA SER B 202 -7.05 -6.50 21.04
C SER B 202 -6.04 -6.37 19.91
N VAL B 203 -4.85 -5.86 20.23
CA VAL B 203 -3.83 -5.75 19.22
C VAL B 203 -2.71 -6.68 19.68
N ALA B 204 -2.17 -7.33 18.68
CA ALA B 204 -1.05 -8.20 18.88
C ALA B 204 0.05 -7.77 17.92
N HIS B 205 1.25 -7.92 18.42
CA HIS B 205 2.43 -7.59 17.67
C HIS B 205 3.21 -8.87 17.88
N PRO B 206 3.48 -9.60 16.79
CA PRO B 206 4.30 -10.79 16.83
C PRO B 206 5.69 -10.50 17.35
N ALA B 207 6.67 -10.01 16.60
CA ALA B 207 8.01 -9.84 17.11
C ALA B 207 8.06 -8.86 18.26
N SER B 208 7.97 -9.44 19.45
CA SER B 208 7.98 -8.83 20.77
C SER B 208 7.36 -9.93 21.63
N SER B 209 6.09 -10.22 21.32
CA SER B 209 5.13 -11.03 22.05
C SER B 209 4.42 -9.89 22.76
N THR B 210 3.31 -9.46 22.19
CA THR B 210 2.53 -8.44 22.84
C THR B 210 1.07 -8.76 22.54
N THR B 211 0.22 -8.70 23.55
CA THR B 211 -1.20 -8.86 23.36
C THR B 211 -1.83 -7.91 24.37
N VAL B 212 -2.36 -6.82 23.82
CA VAL B 212 -2.95 -5.78 24.64
C VAL B 212 -4.44 -5.87 24.28
N ASP B 213 -5.28 -5.73 25.29
CA ASP B 213 -6.73 -5.77 25.15
C ASP B 213 -7.21 -4.55 25.87
N LYS B 214 -7.58 -3.52 25.14
CA LYS B 214 -8.03 -2.31 25.79
C LYS B 214 -9.52 -2.36 25.58
N LYS B 215 -10.28 -2.22 26.64
CA LYS B 215 -11.71 -2.44 26.56
C LYS B 215 -12.36 -1.14 26.90
N LEU B 216 -11.86 -0.66 28.02
CA LEU B 216 -12.11 0.65 28.57
C LEU B 216 -10.71 1.29 28.42
C1 HEP C . 11.25 -10.64 -21.82
C2 HEP C . 9.78 -10.89 -21.58
C3 HEP C . 8.86 -10.54 -22.70
C4 HEP C . 7.49 -10.58 -22.08
C5 HEP C . 6.84 -9.19 -22.34
C6 HEP C . 9.90 -9.40 -18.19
C7 HEP C . 9.30 -9.11 -16.98
C8 HEP C . 9.98 -8.45 -15.99
C9 HEP C . 11.30 -8.07 -16.21
C10 HEP C . 11.92 -8.35 -17.42
C11 HEP C . 11.22 -9.02 -18.41
C12 HEP C . 12.30 -11.47 -23.85
C13 HEP C . 12.99 -13.00 -25.83
C14 HEP C . 13.03 -12.72 -24.33
C15 HEP C . 11.83 -13.91 -26.24
O1P HEP C . 11.26 -11.72 -19.45
O2P HEP C . 13.48 -11.05 -20.46
O3P HEP C . 11.85 -9.28 -19.64
O4 HEP C . 12.69 -10.35 -24.18
O5 HEP C . 10.69 -13.43 -26.37
O6 HEP C . 12.10 -15.08 -26.56
N1 HEP C . 11.87 -11.68 -22.63
P HEP C . 12.03 -10.78 -20.28
#